data_1H3V
#
_entry.id   1H3V
#
_cell.length_a   49.470
_cell.length_b   80.850
_cell.length_c   141.750
_cell.angle_alpha   90.00
_cell.angle_beta   90.00
_cell.angle_gamma   90.00
#
_symmetry.space_group_name_H-M   'P 21 21 21'
#
loop_
_entity.id
_entity.type
_entity.pdbx_description
1 polymer 'IG GAMMA-1 CHAIN C REGION'
2 branched beta-D-galactopyranose-(1-4)-2-acetamido-2-deoxy-beta-D-glucopyranose-(1-2)-alpha-D-mannopyranose-(1-6)-[alpha-D-mannopyranose-(1-3)]beta-D-mannopyranose-(1-4)-2-acetamido-2-deoxy-beta-D-glucopyranose-(1-4)-[beta-L-fucopyranose-(1-6)]2-acetamido-2-deoxy-beta-D-glucopyranose
3 branched beta-D-galactopyranose-(1-4)-2-acetamido-2-deoxy-beta-D-glucopyranose-(1-2)-beta-D-mannopyranose-(1-6)-[alpha-D-mannopyranose-(1-3)]beta-D-mannopyranose-(1-4)-2-acetamido-2-deoxy-beta-D-glucopyranose-(1-4)-[beta-L-fucopyranose-(1-6)]2-acetamido-2-deoxy-beta-D-glucopyranose
4 water water
#
_entity_poly.entity_id   1
_entity_poly.type   'polypeptide(L)'
_entity_poly.pdbx_seq_one_letter_code
;TCPPCPAPELLGGPSVFLFPPKPKDTLMISRTPEVTCVVVDVSHEDPQVKFNWYVDGVQVHNAKTKPREQQYNSTYRVVS
VLTVLHQNWLDGKEYKCKVSNKALPAPIEKTISKAKGQPREPQVYTLPPSREEMTKNQVSLTCLVKGFYPSDIAVEWESN
GQPENNYKTTPPVLDSDGSFFLYSKLTVDKSRWQQGNVFSCSVMHEALHNHYTQKSLSLSPGK
;
_entity_poly.pdbx_strand_id   A,B
#
# COMPACT_ATOMS: atom_id res chain seq x y z
N PRO A 14 -22.42 17.42 3.01
CA PRO A 14 -21.93 17.60 1.63
C PRO A 14 -20.42 17.45 1.61
N SER A 15 -19.90 16.60 0.73
CA SER A 15 -18.46 16.39 0.64
C SER A 15 -17.98 16.35 -0.81
N VAL A 16 -16.78 16.86 -1.04
CA VAL A 16 -16.21 16.86 -2.38
C VAL A 16 -15.01 15.91 -2.40
N PHE A 17 -14.74 15.29 -3.54
CA PHE A 17 -13.61 14.38 -3.67
C PHE A 17 -12.93 14.58 -5.03
N LEU A 18 -11.64 14.88 -5.01
CA LEU A 18 -10.88 15.13 -6.25
C LEU A 18 -10.09 13.92 -6.67
N PHE A 19 -10.25 13.49 -7.92
CA PHE A 19 -9.54 12.33 -8.42
C PHE A 19 -8.63 12.61 -9.60
N PRO A 20 -7.35 12.22 -9.48
CA PRO A 20 -6.39 12.44 -10.56
C PRO A 20 -6.69 11.44 -11.67
N PRO A 21 -6.08 11.65 -12.85
CA PRO A 21 -6.29 10.77 -13.99
C PRO A 21 -5.41 9.52 -13.88
N LYS A 22 -5.73 8.48 -14.64
CA LYS A 22 -4.90 7.28 -14.57
C LYS A 22 -3.54 7.64 -15.13
N PRO A 23 -2.46 7.08 -14.56
CA PRO A 23 -1.12 7.37 -15.03
C PRO A 23 -0.96 7.16 -16.53
N LYS A 24 -1.61 6.12 -17.04
CA LYS A 24 -1.55 5.84 -18.47
C LYS A 24 -2.13 7.03 -19.25
N ASP A 25 -3.38 7.40 -18.96
CA ASP A 25 -4.07 8.50 -19.61
C ASP A 25 -3.21 9.74 -19.84
N THR A 26 -2.31 10.07 -18.90
CA THR A 26 -1.48 11.28 -19.05
C THR A 26 -0.15 11.04 -19.76
N LEU A 27 0.15 9.77 -20.04
CA LEU A 27 1.41 9.38 -20.70
C LEU A 27 1.27 9.02 -22.18
N MET A 28 0.03 8.91 -22.64
CA MET A 28 -0.23 8.58 -24.03
C MET A 28 -1.13 9.66 -24.63
N ILE A 29 -0.53 10.44 -25.51
CA ILE A 29 -1.20 11.55 -26.18
C ILE A 29 -2.53 11.09 -26.76
N SER A 30 -2.51 9.84 -27.20
CA SER A 30 -3.64 9.18 -27.82
C SER A 30 -4.89 9.15 -26.96
N ARG A 31 -4.70 9.12 -25.64
CA ARG A 31 -5.82 9.06 -24.71
C ARG A 31 -6.25 10.38 -24.04
N THR A 32 -7.45 10.37 -23.50
CA THR A 32 -8.01 11.54 -22.86
C THR A 32 -8.01 11.50 -21.32
N PRO A 33 -6.99 12.10 -20.68
CA PRO A 33 -6.98 12.07 -19.23
C PRO A 33 -7.99 13.08 -18.74
N GLU A 34 -8.39 12.98 -17.48
CA GLU A 34 -9.35 13.90 -16.90
C GLU A 34 -9.36 13.80 -15.39
N VAL A 35 -9.63 14.92 -14.73
CA VAL A 35 -9.68 15.01 -13.27
C VAL A 35 -11.15 15.09 -12.84
N THR A 36 -11.57 14.24 -11.91
CA THR A 36 -12.97 14.23 -11.50
C THR A 36 -13.28 14.88 -10.15
N CYS A 37 -14.36 15.65 -10.10
CA CYS A 37 -14.74 16.29 -8.88
C CYS A 37 -16.09 15.71 -8.49
N VAL A 38 -16.05 14.72 -7.61
CA VAL A 38 -17.24 14.03 -7.13
C VAL A 38 -17.76 14.65 -5.85
N VAL A 39 -19.06 14.87 -5.77
CA VAL A 39 -19.64 15.44 -4.58
C VAL A 39 -20.66 14.47 -4.03
N VAL A 40 -20.66 14.28 -2.72
CA VAL A 40 -21.62 13.38 -2.09
C VAL A 40 -22.36 14.12 -0.99
N ASP A 41 -23.38 13.45 -0.45
CA ASP A 41 -24.15 14.04 0.63
C ASP A 41 -24.84 15.33 0.23
N VAL A 42 -25.42 15.32 -0.97
CA VAL A 42 -26.12 16.48 -1.48
C VAL A 42 -27.59 16.16 -1.26
N SER A 43 -28.18 16.85 -0.31
CA SER A 43 -29.58 16.66 0.04
C SER A 43 -30.54 17.00 -1.09
N HIS A 44 -31.80 16.60 -0.90
CA HIS A 44 -32.87 16.83 -1.86
C HIS A 44 -33.46 18.24 -1.67
N GLU A 45 -33.35 18.80 -0.48
CA GLU A 45 -33.90 20.13 -0.22
C GLU A 45 -33.06 21.27 -0.79
N ASP A 46 -31.99 20.91 -1.50
CA ASP A 46 -31.06 21.87 -2.10
C ASP A 46 -30.05 21.10 -2.93
N PRO A 47 -30.49 20.49 -4.03
CA PRO A 47 -29.59 19.72 -4.89
C PRO A 47 -28.71 20.57 -5.77
N GLN A 48 -28.98 21.86 -5.77
CA GLN A 48 -28.25 22.81 -6.61
C GLN A 48 -26.75 22.80 -6.29
N VAL A 49 -25.95 22.28 -7.23
CA VAL A 49 -24.50 22.22 -7.05
C VAL A 49 -23.77 22.96 -8.17
N LYS A 50 -22.99 23.96 -7.79
CA LYS A 50 -22.22 24.77 -8.73
C LYS A 50 -20.74 24.45 -8.67
N PHE A 51 -20.16 24.07 -9.80
CA PHE A 51 -18.74 23.77 -9.86
C PHE A 51 -17.94 24.93 -10.41
N ASN A 52 -16.65 24.93 -10.08
CA ASN A 52 -15.71 25.96 -10.53
C ASN A 52 -14.35 25.29 -10.66
N TRP A 53 -13.68 25.49 -11.80
CA TRP A 53 -12.39 24.87 -12.01
C TRP A 53 -11.27 25.85 -12.23
N TYR A 54 -10.24 25.75 -11.40
CA TYR A 54 -9.09 26.63 -11.50
C TYR A 54 -7.83 25.85 -11.85
N VAL A 55 -7.24 26.16 -12.99
CA VAL A 55 -6.01 25.49 -13.41
C VAL A 55 -4.81 26.36 -13.03
N ASP A 56 -4.17 25.99 -11.94
CA ASP A 56 -3.02 26.71 -11.43
C ASP A 56 -3.42 28.14 -11.06
N GLY A 57 -4.61 28.26 -10.48
CA GLY A 57 -5.10 29.56 -10.04
C GLY A 57 -6.05 30.29 -10.95
N VAL A 58 -5.99 30.02 -12.26
CA VAL A 58 -6.84 30.73 -13.20
C VAL A 58 -8.06 29.95 -13.70
N GLN A 59 -8.79 30.62 -14.59
CA GLN A 59 -9.96 30.08 -15.24
C GLN A 59 -11.19 29.88 -14.36
N VAL A 60 -11.59 30.93 -13.65
CA VAL A 60 -12.80 30.83 -12.83
C VAL A 60 -13.95 30.67 -13.81
N HIS A 61 -13.81 31.36 -14.95
CA HIS A 61 -14.77 31.35 -16.07
C HIS A 61 -14.65 30.07 -16.84
N ASN A 62 -15.71 29.28 -16.81
CA ASN A 62 -15.75 27.97 -17.46
C ASN A 62 -14.90 27.78 -18.70
N ALA A 63 -14.62 26.50 -18.99
CA ALA A 63 -13.80 26.12 -20.13
C ALA A 63 -14.23 24.79 -20.75
N LYS A 64 -13.71 23.70 -20.20
CA LYS A 64 -14.01 22.38 -20.73
C LYS A 64 -14.54 21.39 -19.70
N THR A 65 -15.56 21.79 -18.96
CA THR A 65 -16.08 20.91 -17.93
C THR A 65 -17.42 20.29 -18.32
N LYS A 66 -17.88 19.32 -17.55
CA LYS A 66 -19.13 18.64 -17.84
C LYS A 66 -19.61 17.70 -16.76
N PRO A 67 -20.75 18.03 -16.12
CA PRO A 67 -21.30 17.17 -15.07
C PRO A 67 -22.71 16.68 -15.37
N ARG A 68 -23.25 15.85 -14.46
CA ARG A 68 -24.64 15.39 -14.57
C ARG A 68 -25.14 14.69 -13.29
N GLU A 69 -26.46 14.63 -13.14
CA GLU A 69 -27.12 14.07 -11.96
C GLU A 69 -27.04 12.55 -11.71
N GLN A 70 -27.39 12.16 -10.49
CA GLN A 70 -27.45 10.75 -10.04
C GLN A 70 -27.95 10.64 -8.60
N GLN A 71 -29.01 9.85 -8.40
CA GLN A 71 -29.62 9.65 -7.10
C GLN A 71 -29.08 8.40 -6.41
N TYR A 72 -28.86 8.48 -5.11
CA TYR A 72 -28.32 7.32 -4.40
C TYR A 72 -29.12 6.75 -3.21
N ASN A 73 -28.49 6.65 -2.04
CA ASN A 73 -29.15 6.08 -0.86
C ASN A 73 -30.25 6.91 -0.26
N SER A 74 -30.29 8.18 -0.65
CA SER A 74 -31.29 9.14 -0.16
C SER A 74 -30.66 10.53 -0.29
N THR A 75 -29.41 10.55 -0.78
CA THR A 75 -28.66 11.77 -1.01
C THR A 75 -28.38 11.90 -2.50
N TYR A 76 -27.45 12.79 -2.85
CA TYR A 76 -27.10 12.98 -4.23
C TYR A 76 -25.63 12.86 -4.52
N ARG A 77 -25.31 12.61 -5.78
CA ARG A 77 -23.93 12.45 -6.18
C ARG A 77 -23.72 13.17 -7.51
N VAL A 78 -23.37 14.45 -7.45
CA VAL A 78 -23.11 15.24 -8.64
C VAL A 78 -21.66 14.98 -8.97
N VAL A 79 -21.32 14.94 -10.26
CA VAL A 79 -19.95 14.69 -10.66
C VAL A 79 -19.53 15.55 -11.82
N SER A 80 -18.52 16.37 -11.58
CA SER A 80 -18.03 17.23 -12.64
C SER A 80 -16.73 16.65 -13.13
N VAL A 81 -16.51 16.70 -14.43
CA VAL A 81 -15.26 16.20 -15.00
C VAL A 81 -14.56 17.27 -15.83
N LEU A 82 -13.24 17.34 -15.69
CA LEU A 82 -12.43 18.30 -16.43
C LEU A 82 -11.30 17.58 -17.15
N THR A 83 -11.24 17.82 -18.46
CA THR A 83 -10.22 17.20 -19.32
C THR A 83 -8.93 18.02 -19.28
N VAL A 84 -7.87 17.36 -18.83
CA VAL A 84 -6.57 18.00 -18.71
C VAL A 84 -5.67 17.72 -19.91
N LEU A 85 -4.65 18.54 -20.06
CA LEU A 85 -3.70 18.38 -21.14
C LEU A 85 -2.51 17.61 -20.60
N HIS A 86 -2.17 16.50 -21.26
CA HIS A 86 -1.06 15.64 -20.84
C HIS A 86 0.11 16.41 -20.21
N GLN A 87 0.55 17.45 -20.91
CA GLN A 87 1.65 18.31 -20.45
C GLN A 87 1.39 19.05 -19.18
N ASN A 88 0.24 19.73 -19.14
CA ASN A 88 -0.13 20.46 -17.94
C ASN A 88 0.05 19.49 -16.78
N TRP A 89 -0.78 18.44 -16.71
CA TRP A 89 -0.64 17.51 -15.61
C TRP A 89 0.82 17.22 -15.40
N LEU A 90 1.45 16.62 -16.40
CA LEU A 90 2.88 16.31 -16.32
C LEU A 90 3.71 17.44 -15.73
N ASP A 91 3.39 18.66 -16.15
CA ASP A 91 4.11 19.82 -15.65
C ASP A 91 3.61 20.31 -14.29
N GLY A 92 3.06 19.39 -13.50
CA GLY A 92 2.58 19.72 -12.16
C GLY A 92 1.64 20.90 -11.98
N LYS A 93 0.73 21.12 -12.92
CA LYS A 93 -0.22 22.22 -12.80
C LYS A 93 -1.19 21.85 -11.69
N GLU A 94 -1.64 22.85 -10.92
CA GLU A 94 -2.58 22.57 -9.83
C GLU A 94 -4.01 22.78 -10.27
N TYR A 95 -4.78 21.69 -10.21
CA TYR A 95 -6.17 21.73 -10.61
C TYR A 95 -7.06 21.89 -9.39
N LYS A 96 -7.85 22.96 -9.37
CA LYS A 96 -8.72 23.19 -8.23
C LYS A 96 -10.19 23.12 -8.63
N CYS A 97 -10.99 22.55 -7.74
CA CYS A 97 -12.43 22.41 -7.95
C CYS A 97 -13.16 23.06 -6.79
N LYS A 98 -13.87 24.14 -7.09
CA LYS A 98 -14.62 24.88 -6.10
C LYS A 98 -16.07 24.51 -6.24
N VAL A 99 -16.56 23.75 -5.27
CA VAL A 99 -17.94 23.31 -5.27
C VAL A 99 -18.77 24.21 -4.38
N SER A 100 -19.94 24.59 -4.88
CA SER A 100 -20.82 25.50 -4.16
C SER A 100 -22.24 24.97 -4.00
N ASN A 101 -22.82 25.16 -2.83
CA ASN A 101 -24.18 24.71 -2.55
C ASN A 101 -24.79 25.57 -1.46
N LYS A 102 -26.06 25.95 -1.65
CA LYS A 102 -26.79 26.81 -0.69
C LYS A 102 -26.87 26.25 0.72
N ALA A 103 -26.80 24.93 0.81
CA ALA A 103 -26.83 24.25 2.09
C ALA A 103 -25.41 24.19 2.62
N LEU A 104 -24.59 25.14 2.17
CA LEU A 104 -23.18 25.19 2.56
C LEU A 104 -22.74 26.63 2.86
N PRO A 105 -22.18 26.85 4.06
CA PRO A 105 -21.70 28.19 4.47
C PRO A 105 -20.61 28.66 3.52
N ALA A 106 -19.54 27.87 3.43
CA ALA A 106 -18.43 28.19 2.57
C ALA A 106 -18.31 27.13 1.48
N PRO A 107 -18.02 27.54 0.23
CA PRO A 107 -17.90 26.58 -0.86
C PRO A 107 -16.81 25.59 -0.48
N ILE A 108 -16.74 24.49 -1.21
CA ILE A 108 -15.72 23.49 -0.93
C ILE A 108 -14.59 23.53 -1.94
N GLU A 109 -13.38 23.79 -1.45
CA GLU A 109 -12.23 23.90 -2.33
C GLU A 109 -11.22 22.73 -2.19
N LYS A 110 -10.95 22.05 -3.30
CA LYS A 110 -10.01 20.94 -3.31
C LYS A 110 -9.06 21.10 -4.50
N THR A 111 -7.78 20.80 -4.30
CA THR A 111 -6.81 20.88 -5.38
C THR A 111 -6.21 19.49 -5.57
N ILE A 112 -5.59 19.28 -6.73
CA ILE A 112 -4.97 18.00 -7.07
C ILE A 112 -3.95 18.26 -8.18
N SER A 113 -2.80 17.62 -8.11
CA SER A 113 -1.77 17.76 -9.14
C SER A 113 -0.74 16.68 -9.01
N LYS A 114 0.19 16.69 -9.96
CA LYS A 114 1.28 15.74 -10.01
C LYS A 114 2.20 15.97 -8.81
N ALA A 115 2.69 14.89 -8.21
CA ALA A 115 3.58 14.98 -7.05
C ALA A 115 4.81 15.91 -7.23
N LYS A 116 5.09 16.74 -6.22
CA LYS A 116 6.21 17.69 -6.25
C LYS A 116 7.58 17.09 -5.94
N GLY A 117 8.49 17.22 -6.90
CA GLY A 117 9.85 16.71 -6.76
C GLY A 117 10.36 16.37 -8.15
N GLN A 118 11.67 16.49 -8.37
CA GLN A 118 12.24 16.19 -9.68
C GLN A 118 12.00 14.75 -10.09
N PRO A 119 11.52 14.54 -11.32
CA PRO A 119 11.24 13.20 -11.85
C PRO A 119 12.47 12.33 -11.83
N ARG A 120 12.29 11.02 -11.76
CA ARG A 120 13.41 10.08 -11.73
C ARG A 120 13.16 8.89 -12.67
N GLU A 121 14.11 8.60 -13.56
CA GLU A 121 13.93 7.50 -14.50
C GLU A 121 14.06 6.13 -13.88
N PRO A 122 12.98 5.34 -13.93
CA PRO A 122 12.98 3.99 -13.36
C PRO A 122 13.96 3.01 -13.97
N GLN A 123 14.38 2.06 -13.14
CA GLN A 123 15.30 1.02 -13.56
C GLN A 123 14.46 -0.23 -13.60
N VAL A 124 14.41 -0.86 -14.76
CA VAL A 124 13.66 -2.09 -14.96
C VAL A 124 14.63 -3.28 -15.01
N TYR A 125 14.45 -4.22 -14.07
CA TYR A 125 15.29 -5.42 -13.97
C TYR A 125 14.40 -6.66 -13.93
N THR A 126 14.73 -7.67 -14.73
CA THR A 126 13.93 -8.88 -14.73
C THR A 126 14.52 -10.02 -13.88
N LEU A 127 13.70 -10.53 -12.96
CA LEU A 127 14.16 -11.58 -12.09
C LEU A 127 13.49 -12.93 -12.41
N PRO A 128 14.29 -13.94 -12.80
CA PRO A 128 13.78 -15.28 -13.13
C PRO A 128 13.39 -16.04 -11.86
N PRO A 129 12.69 -17.17 -12.01
CA PRO A 129 12.28 -17.95 -10.83
C PRO A 129 13.45 -18.62 -10.12
N SER A 130 13.46 -18.52 -8.80
CA SER A 130 14.49 -19.09 -7.96
C SER A 130 14.59 -20.61 -8.15
N ARG A 131 15.80 -21.15 -8.00
CA ARG A 131 15.99 -22.58 -8.16
C ARG A 131 14.89 -23.26 -7.37
N GLU A 132 14.91 -23.05 -6.06
CA GLU A 132 13.98 -23.64 -5.13
C GLU A 132 12.51 -23.53 -5.50
N GLU A 133 12.18 -22.69 -6.48
CA GLU A 133 10.78 -22.54 -6.87
C GLU A 133 10.39 -23.45 -8.04
N MET A 134 11.37 -24.11 -8.65
CA MET A 134 11.12 -25.01 -9.78
C MET A 134 10.58 -26.38 -9.37
N THR A 135 10.23 -26.50 -8.10
CA THR A 135 9.67 -27.72 -7.52
C THR A 135 8.17 -27.50 -7.41
N LYS A 136 7.64 -26.72 -8.34
CA LYS A 136 6.22 -26.39 -8.39
C LYS A 136 5.72 -26.47 -9.84
N ASN A 137 4.40 -26.31 -10.02
CA ASN A 137 3.78 -26.37 -11.35
C ASN A 137 3.71 -25.02 -12.03
N GLN A 138 3.74 -23.98 -11.22
CA GLN A 138 3.71 -22.60 -11.71
C GLN A 138 4.86 -21.83 -11.08
N VAL A 139 5.56 -21.06 -11.91
CA VAL A 139 6.68 -20.26 -11.44
C VAL A 139 6.40 -18.77 -11.48
N SER A 140 7.22 -18.02 -10.76
CA SER A 140 7.04 -16.58 -10.70
C SER A 140 8.17 -15.84 -11.39
N LEU A 141 7.83 -15.01 -12.37
CA LEU A 141 8.82 -14.21 -13.06
C LEU A 141 8.74 -12.84 -12.41
N THR A 142 9.88 -12.23 -12.12
CA THR A 142 9.90 -10.95 -11.44
C THR A 142 10.44 -9.76 -12.25
N CYS A 143 9.81 -8.61 -12.03
CA CYS A 143 10.17 -7.38 -12.68
C CYS A 143 10.34 -6.41 -11.52
N LEU A 144 11.56 -5.96 -11.31
CA LEU A 144 11.82 -5.01 -10.25
C LEU A 144 11.92 -3.62 -10.85
N VAL A 145 10.95 -2.77 -10.56
CA VAL A 145 10.99 -1.41 -11.09
C VAL A 145 11.49 -0.57 -9.94
N LYS A 146 12.71 -0.05 -10.03
CA LYS A 146 13.24 0.73 -8.93
C LYS A 146 13.72 2.14 -9.25
N GLY A 147 13.88 2.93 -8.19
CA GLY A 147 14.36 4.29 -8.29
C GLY A 147 13.58 5.27 -9.17
N PHE A 148 12.26 5.23 -9.08
CA PHE A 148 11.44 6.14 -9.90
C PHE A 148 10.69 7.17 -9.09
N TYR A 149 10.41 8.32 -9.71
CA TYR A 149 9.67 9.42 -9.09
C TYR A 149 9.12 10.30 -10.20
N PRO A 150 7.84 10.74 -10.09
CA PRO A 150 6.91 10.46 -8.99
C PRO A 150 6.54 8.99 -8.98
N SER A 151 5.56 8.63 -8.16
CA SER A 151 5.14 7.23 -8.07
C SER A 151 4.13 6.81 -9.12
N ASP A 152 3.58 7.78 -9.86
CA ASP A 152 2.62 7.47 -10.91
C ASP A 152 3.31 6.50 -11.83
N ILE A 153 2.69 5.38 -12.15
CA ILE A 153 3.34 4.45 -13.05
C ILE A 153 2.45 3.24 -13.37
N ALA A 154 2.78 2.51 -14.43
CA ALA A 154 2.03 1.31 -14.83
C ALA A 154 2.99 0.23 -15.34
N VAL A 155 2.69 -1.02 -15.05
CA VAL A 155 3.53 -2.13 -15.48
C VAL A 155 2.64 -3.22 -16.03
N GLU A 156 3.08 -3.85 -17.11
CA GLU A 156 2.31 -4.92 -17.72
C GLU A 156 3.23 -5.99 -18.22
N TRP A 157 2.68 -7.16 -18.55
CA TRP A 157 3.52 -8.24 -19.05
C TRP A 157 3.02 -8.78 -20.38
N GLU A 158 3.95 -9.38 -21.12
CA GLU A 158 3.65 -9.95 -22.42
C GLU A 158 4.61 -11.07 -22.77
N SER A 159 4.11 -11.97 -23.59
CA SER A 159 4.90 -13.09 -24.13
C SER A 159 4.78 -12.67 -25.57
N ASN A 160 5.20 -13.52 -26.51
CA ASN A 160 5.09 -13.19 -27.92
C ASN A 160 4.04 -12.12 -28.26
N GLY A 161 4.40 -10.88 -27.99
CA GLY A 161 3.49 -9.76 -28.26
C GLY A 161 2.10 -9.89 -27.68
N GLN A 162 1.81 -11.02 -27.03
CA GLN A 162 0.49 -11.22 -26.44
C GLN A 162 0.49 -10.84 -24.95
N PRO A 163 -0.64 -10.32 -24.43
CA PRO A 163 -0.73 -9.93 -23.02
C PRO A 163 -0.54 -11.10 -22.08
N GLU A 164 -0.75 -10.85 -20.80
CA GLU A 164 -0.63 -11.85 -19.76
C GLU A 164 -1.53 -11.32 -18.64
N ASN A 165 -2.31 -12.18 -18.02
CA ASN A 165 -3.19 -11.69 -16.97
C ASN A 165 -2.81 -12.19 -15.59
N ASN A 166 -2.19 -13.36 -15.51
CA ASN A 166 -1.81 -13.91 -14.22
C ASN A 166 -0.59 -13.28 -13.60
N TYR A 167 -0.73 -12.01 -13.21
CA TYR A 167 0.35 -11.28 -12.55
C TYR A 167 -0.25 -10.29 -11.55
N LYS A 168 0.61 -9.79 -10.67
CA LYS A 168 0.20 -8.85 -9.64
C LYS A 168 1.30 -7.83 -9.41
N THR A 169 0.92 -6.60 -9.10
CA THR A 169 1.93 -5.59 -8.88
C THR A 169 1.76 -4.81 -7.61
N THR A 170 2.78 -4.91 -6.76
CA THR A 170 2.79 -4.24 -5.50
C THR A 170 2.65 -2.74 -5.72
N PRO A 171 2.05 -2.05 -4.75
CA PRO A 171 1.91 -0.61 -4.90
C PRO A 171 3.31 -0.04 -4.75
N PRO A 172 3.55 1.16 -5.28
CA PRO A 172 4.90 1.70 -5.14
C PRO A 172 5.32 1.79 -3.68
N VAL A 173 6.62 1.70 -3.45
CA VAL A 173 7.11 1.78 -2.11
C VAL A 173 8.10 2.89 -2.04
N LEU A 174 8.08 3.63 -0.94
CA LEU A 174 9.00 4.74 -0.76
C LEU A 174 10.33 4.19 -0.30
N ASP A 175 11.37 4.46 -1.09
CA ASP A 175 12.71 3.99 -0.81
C ASP A 175 13.49 4.95 0.08
N SER A 176 14.76 4.61 0.32
CA SER A 176 15.62 5.40 1.18
C SER A 176 15.97 6.78 0.61
N ASP A 177 16.22 6.85 -0.70
CA ASP A 177 16.59 8.09 -1.38
C ASP A 177 15.46 9.09 -1.29
N GLY A 178 14.31 8.64 -1.74
CA GLY A 178 13.13 9.46 -1.78
C GLY A 178 12.51 9.06 -3.10
N SER A 179 13.02 7.96 -3.62
CA SER A 179 12.59 7.35 -4.86
C SER A 179 11.62 6.25 -4.47
N PHE A 180 10.97 5.65 -5.45
CA PHE A 180 10.03 4.57 -5.17
C PHE A 180 10.51 3.29 -5.80
N PHE A 181 9.77 2.22 -5.59
CA PHE A 181 10.10 0.96 -6.19
C PHE A 181 8.90 0.02 -6.05
N LEU A 182 8.99 -1.12 -6.71
CA LEU A 182 7.94 -2.10 -6.66
C LEU A 182 8.37 -3.33 -7.43
N TYR A 183 7.53 -4.34 -7.37
CA TYR A 183 7.80 -5.58 -8.04
C TYR A 183 6.52 -6.01 -8.72
N SER A 184 6.65 -6.68 -9.85
CA SER A 184 5.46 -7.16 -10.53
C SER A 184 5.73 -8.64 -10.70
N LYS A 185 4.79 -9.48 -10.27
CA LYS A 185 4.99 -10.92 -10.36
C LYS A 185 4.13 -11.62 -11.38
N LEU A 186 4.77 -12.20 -12.38
CA LEU A 186 4.05 -12.95 -13.39
C LEU A 186 4.13 -14.44 -13.05
N THR A 187 2.96 -15.09 -12.98
CA THR A 187 2.88 -16.51 -12.65
C THR A 187 2.61 -17.35 -13.90
N VAL A 188 3.56 -18.21 -14.27
CA VAL A 188 3.40 -19.03 -15.46
C VAL A 188 3.76 -20.48 -15.18
N ASP A 189 3.05 -21.41 -15.84
CA ASP A 189 3.30 -22.83 -15.66
C ASP A 189 4.76 -23.13 -15.98
N LYS A 190 5.45 -23.78 -15.04
CA LYS A 190 6.87 -24.11 -15.21
C LYS A 190 7.24 -24.64 -16.60
N SER A 191 6.31 -25.27 -17.29
CA SER A 191 6.59 -25.79 -18.62
C SER A 191 6.90 -24.62 -19.54
N ARG A 192 5.93 -23.71 -19.71
CA ARG A 192 6.12 -22.52 -20.55
C ARG A 192 7.46 -21.90 -20.25
N TRP A 193 7.74 -21.68 -18.98
CA TRP A 193 9.01 -21.10 -18.62
C TRP A 193 10.10 -21.97 -19.20
N GLN A 194 9.97 -23.28 -19.00
CA GLN A 194 10.95 -24.23 -19.47
C GLN A 194 10.95 -24.52 -20.97
N GLN A 195 9.84 -24.21 -21.65
CA GLN A 195 9.79 -24.43 -23.09
C GLN A 195 10.62 -23.33 -23.78
N GLY A 196 11.35 -22.55 -22.98
CA GLY A 196 12.18 -21.49 -23.52
C GLY A 196 11.45 -20.18 -23.84
N ASN A 197 10.15 -20.13 -23.58
CA ASN A 197 9.35 -18.94 -23.87
C ASN A 197 9.92 -17.65 -23.32
N VAL A 198 9.72 -16.57 -24.07
CA VAL A 198 10.19 -15.23 -23.72
C VAL A 198 9.03 -14.31 -23.30
N PHE A 199 9.19 -13.60 -22.18
CA PHE A 199 8.16 -12.68 -21.65
C PHE A 199 8.79 -11.30 -21.52
N SER A 200 7.99 -10.27 -21.33
CA SER A 200 8.55 -8.93 -21.16
C SER A 200 7.66 -8.04 -20.33
N CYS A 201 8.20 -7.38 -19.31
CA CYS A 201 7.37 -6.45 -18.55
C CYS A 201 7.58 -5.08 -19.16
N SER A 202 6.45 -4.42 -19.37
CA SER A 202 6.40 -3.10 -19.96
C SER A 202 6.21 -2.08 -18.84
N VAL A 203 7.08 -1.10 -18.78
CA VAL A 203 6.95 -0.07 -17.77
C VAL A 203 6.70 1.29 -18.43
N MET A 204 5.62 1.95 -18.00
CA MET A 204 5.29 3.26 -18.55
C MET A 204 5.46 4.30 -17.48
N HIS A 205 6.33 5.27 -17.76
CA HIS A 205 6.61 6.31 -16.82
C HIS A 205 6.98 7.59 -17.54
N GLU A 206 6.63 8.72 -16.93
CA GLU A 206 6.90 10.03 -17.50
C GLU A 206 8.39 10.21 -17.77
N ALA A 207 9.20 9.94 -16.75
CA ALA A 207 10.62 10.10 -16.86
C ALA A 207 11.35 9.04 -17.64
N LEU A 208 10.65 8.38 -18.56
CA LEU A 208 11.30 7.37 -19.40
C LEU A 208 11.35 8.05 -20.74
N HIS A 209 11.96 7.41 -21.74
CA HIS A 209 11.98 7.97 -23.10
C HIS A 209 10.50 7.94 -23.46
N ASN A 210 10.14 7.59 -24.69
CA ASN A 210 8.73 7.58 -25.08
C ASN A 210 7.70 7.19 -24.01
N HIS A 211 8.10 7.25 -22.74
CA HIS A 211 7.24 6.94 -21.60
C HIS A 211 6.98 5.46 -21.56
N TYR A 212 7.99 4.66 -21.89
CA TYR A 212 7.77 3.24 -21.91
C TYR A 212 9.02 2.49 -22.30
N THR A 213 9.39 1.54 -21.46
CA THR A 213 10.57 0.72 -21.71
C THR A 213 10.13 -0.71 -21.52
N GLN A 214 10.82 -1.63 -22.19
CA GLN A 214 10.51 -3.07 -22.12
C GLN A 214 11.70 -3.90 -21.76
N LYS A 215 11.51 -4.86 -20.87
CA LYS A 215 12.58 -5.78 -20.48
C LYS A 215 12.13 -7.22 -20.68
N SER A 216 13.00 -8.04 -21.24
CA SER A 216 12.66 -9.43 -21.52
C SER A 216 13.20 -10.44 -20.52
N LEU A 217 12.51 -11.57 -20.40
CA LEU A 217 12.88 -12.66 -19.50
C LEU A 217 12.82 -14.01 -20.20
N SER A 218 13.87 -14.82 -20.03
CA SER A 218 13.92 -16.14 -20.63
C SER A 218 15.03 -17.00 -20.05
N LEU A 219 14.76 -18.29 -19.94
CA LEU A 219 15.75 -19.23 -19.42
C LEU A 219 16.58 -19.67 -20.60
N SER A 220 17.60 -20.50 -20.36
CA SER A 220 18.47 -21.03 -21.43
C SER A 220 19.85 -21.44 -20.93
N PRO A 221 20.59 -22.09 -21.71
N PRO B 14 -15.81 13.00 17.92
CA PRO B 14 -15.33 12.05 18.95
C PRO B 14 -15.35 10.62 18.40
N SER B 15 -14.18 10.09 18.03
CA SER B 15 -14.16 8.73 17.48
C SER B 15 -13.10 7.82 18.05
N VAL B 16 -13.40 6.54 17.98
CA VAL B 16 -12.52 5.49 18.48
C VAL B 16 -11.91 4.71 17.31
N PHE B 17 -10.69 4.22 17.48
CA PHE B 17 -10.00 3.47 16.46
C PHE B 17 -9.21 2.34 17.09
N LEU B 18 -9.55 1.10 16.76
CA LEU B 18 -8.86 -0.04 17.32
C LEU B 18 -7.79 -0.56 16.39
N PHE B 19 -6.64 -0.88 16.96
CA PHE B 19 -5.52 -1.39 16.18
C PHE B 19 -4.99 -2.71 16.71
N PRO B 20 -4.74 -3.67 15.81
CA PRO B 20 -4.24 -4.97 16.24
C PRO B 20 -2.74 -4.91 16.43
N PRO B 21 -2.15 -5.92 17.05
CA PRO B 21 -0.71 -5.92 17.26
C PRO B 21 0.08 -6.33 16.02
N LYS B 22 1.36 -5.95 16.02
CA LYS B 22 2.27 -6.27 14.95
C LYS B 22 2.28 -7.78 14.82
N PRO B 23 2.29 -8.28 13.59
CA PRO B 23 2.31 -9.72 13.37
C PRO B 23 3.45 -10.35 14.18
N LYS B 24 4.59 -9.67 14.17
CA LYS B 24 5.78 -10.11 14.87
C LYS B 24 5.54 -10.28 16.37
N ASP B 25 5.00 -9.24 16.99
CA ASP B 25 4.70 -9.22 18.42
C ASP B 25 3.91 -10.43 18.89
N THR B 26 3.04 -10.94 18.05
CA THR B 26 2.23 -12.07 18.42
C THR B 26 2.89 -13.41 18.13
N LEU B 27 3.88 -13.41 17.24
CA LEU B 27 4.57 -14.64 16.87
C LEU B 27 5.83 -14.97 17.67
N MET B 28 6.23 -14.07 18.57
CA MET B 28 7.40 -14.30 19.42
C MET B 28 7.02 -14.07 20.87
N ILE B 29 6.97 -15.14 21.66
CA ILE B 29 6.60 -15.01 23.07
C ILE B 29 7.54 -14.06 23.78
N SER B 30 8.75 -13.94 23.26
CA SER B 30 9.73 -13.06 23.86
C SER B 30 9.25 -11.61 23.93
N ARG B 31 8.39 -11.19 22.99
CA ARG B 31 7.89 -9.81 23.01
C ARG B 31 6.44 -9.66 23.43
N THR B 32 6.05 -8.44 23.78
CA THR B 32 4.66 -8.16 24.22
C THR B 32 3.72 -7.49 23.22
N PRO B 33 2.76 -8.27 22.71
CA PRO B 33 1.77 -7.80 21.74
C PRO B 33 0.82 -6.92 22.51
N GLU B 34 0.15 -6.00 21.83
CA GLU B 34 -0.82 -5.12 22.46
C GLU B 34 -1.78 -4.53 21.43
N VAL B 35 -3.03 -4.33 21.84
CA VAL B 35 -4.05 -3.77 20.96
C VAL B 35 -4.36 -2.39 21.48
N THR B 36 -4.31 -1.36 20.63
CA THR B 36 -4.59 -0.04 21.15
C THR B 36 -5.95 0.51 20.74
N CYS B 37 -6.53 1.31 21.64
CA CYS B 37 -7.81 1.94 21.41
C CYS B 37 -7.62 3.45 21.42
N VAL B 38 -7.32 3.98 20.24
CA VAL B 38 -7.09 5.41 20.04
C VAL B 38 -8.42 6.14 19.91
N VAL B 39 -8.55 7.24 20.66
CA VAL B 39 -9.76 8.06 20.64
C VAL B 39 -9.41 9.43 20.11
N VAL B 40 -10.15 9.87 19.11
CA VAL B 40 -9.90 11.15 18.48
C VAL B 40 -10.99 12.15 18.76
N ASP B 41 -10.73 13.40 18.42
CA ASP B 41 -11.68 14.48 18.57
C ASP B 41 -12.36 14.53 19.94
N VAL B 42 -11.55 14.62 20.98
CA VAL B 42 -12.03 14.73 22.36
C VAL B 42 -11.90 16.21 22.73
N SER B 43 -13.03 16.91 22.75
CA SER B 43 -13.06 18.33 23.06
C SER B 43 -12.54 18.65 24.45
N HIS B 44 -12.17 19.91 24.66
CA HIS B 44 -11.67 20.34 25.96
C HIS B 44 -12.81 20.56 26.95
N GLU B 45 -14.00 20.79 26.42
CA GLU B 45 -15.18 21.03 27.24
C GLU B 45 -15.63 19.79 28.03
N ASP B 46 -14.88 18.69 27.88
CA ASP B 46 -15.13 17.42 28.57
C ASP B 46 -14.19 16.36 27.99
N PRO B 47 -12.91 16.37 28.41
CA PRO B 47 -11.89 15.43 27.93
C PRO B 47 -11.87 14.09 28.63
N GLN B 48 -12.59 13.97 29.73
CA GLN B 48 -12.61 12.73 30.47
C GLN B 48 -13.18 11.61 29.62
N VAL B 49 -12.34 10.61 29.34
CA VAL B 49 -12.75 9.47 28.53
C VAL B 49 -12.53 8.20 29.34
N LYS B 50 -13.57 7.38 29.45
CA LYS B 50 -13.52 6.14 30.21
C LYS B 50 -13.48 4.92 29.30
N PHE B 51 -12.41 4.15 29.40
CA PHE B 51 -12.27 2.95 28.57
C PHE B 51 -12.81 1.71 29.27
N ASN B 52 -13.12 0.70 28.47
CA ASN B 52 -13.64 -0.59 28.93
C ASN B 52 -13.21 -1.65 27.92
N TRP B 53 -12.60 -2.73 28.41
CA TRP B 53 -12.13 -3.78 27.52
C TRP B 53 -12.69 -5.16 27.82
N TYR B 54 -13.35 -5.74 26.82
CA TYR B 54 -13.92 -7.06 26.93
C TYR B 54 -13.20 -8.02 26.02
N VAL B 55 -12.59 -9.05 26.58
CA VAL B 55 -11.87 -10.06 25.79
C VAL B 55 -12.77 -11.26 25.54
N ASP B 56 -13.37 -11.30 24.35
CA ASP B 56 -14.28 -12.38 23.97
C ASP B 56 -15.55 -12.29 24.82
N GLY B 57 -15.98 -11.06 25.08
CA GLY B 57 -17.19 -10.82 25.86
C GLY B 57 -17.02 -10.57 27.34
N VAL B 58 -15.91 -11.02 27.91
CA VAL B 58 -15.65 -10.89 29.33
C VAL B 58 -14.76 -9.72 29.73
N GLN B 59 -14.58 -9.60 31.05
CA GLN B 59 -13.74 -8.59 31.66
C GLN B 59 -14.22 -7.15 31.63
N VAL B 60 -15.38 -6.89 32.22
CA VAL B 60 -15.88 -5.53 32.32
C VAL B 60 -14.85 -4.89 33.25
N HIS B 61 -14.61 -5.60 34.36
CA HIS B 61 -13.66 -5.22 35.40
C HIS B 61 -12.25 -5.15 34.83
N ASN B 62 -11.59 -4.02 35.03
CA ASN B 62 -10.23 -3.79 34.54
C ASN B 62 -9.33 -5.02 34.66
N ALA B 63 -8.19 -4.98 33.97
CA ALA B 63 -7.22 -6.07 34.02
C ALA B 63 -5.82 -5.53 33.81
N LYS B 64 -5.39 -5.40 32.56
CA LYS B 64 -4.06 -4.91 32.29
C LYS B 64 -4.06 -3.77 31.27
N THR B 65 -4.80 -2.71 31.59
CA THR B 65 -4.93 -1.56 30.70
C THR B 65 -4.10 -0.36 31.17
N LYS B 66 -3.88 0.61 30.28
CA LYS B 66 -3.10 1.78 30.63
C LYS B 66 -3.07 2.86 29.55
N PRO B 67 -3.69 4.01 29.84
CA PRO B 67 -3.74 5.13 28.92
C PRO B 67 -3.07 6.38 29.48
N ARG B 68 -2.92 7.39 28.64
CA ARG B 68 -2.33 8.65 29.06
C ARG B 68 -2.69 9.79 28.09
N GLU B 69 -2.63 11.02 28.59
CA GLU B 69 -2.99 12.23 27.85
C GLU B 69 -2.14 12.57 26.61
N GLN B 70 -2.65 13.48 25.77
CA GLN B 70 -2.00 13.91 24.52
C GLN B 70 -2.79 15.04 23.81
N GLN B 71 -2.24 16.25 23.77
CA GLN B 71 -2.87 17.41 23.13
C GLN B 71 -2.57 17.48 21.62
N TYR B 72 -3.54 17.89 20.79
CA TYR B 72 -3.32 18.00 19.34
C TYR B 72 -3.64 19.32 18.61
N ASN B 73 -4.46 19.24 17.56
CA ASN B 73 -4.81 20.42 16.76
C ASN B 73 -5.70 21.43 17.47
N SER B 74 -6.35 20.98 18.53
CA SER B 74 -7.27 21.78 19.34
C SER B 74 -8.25 20.79 19.94
N THR B 75 -8.00 19.53 19.62
CA THR B 75 -8.81 18.39 20.06
C THR B 75 -7.95 17.51 20.97
N TYR B 76 -8.42 16.31 21.28
CA TYR B 76 -7.66 15.40 22.12
C TYR B 76 -7.50 14.01 21.52
N ARG B 77 -6.48 13.29 22.00
CA ARG B 77 -6.21 11.93 21.55
C ARG B 77 -5.82 11.07 22.75
N VAL B 78 -6.83 10.54 23.43
CA VAL B 78 -6.57 9.68 24.57
C VAL B 78 -6.32 8.30 23.99
N VAL B 79 -5.34 7.58 24.53
CA VAL B 79 -5.03 6.25 24.04
C VAL B 79 -4.91 5.23 25.16
N SER B 80 -5.71 4.18 25.11
CA SER B 80 -5.65 3.12 26.11
C SER B 80 -5.02 1.90 25.47
N VAL B 81 -4.12 1.25 26.18
CA VAL B 81 -3.44 0.09 25.66
C VAL B 81 -3.79 -1.17 26.40
N LEU B 82 -3.97 -2.28 25.69
CA LEU B 82 -4.27 -3.55 26.32
C LEU B 82 -3.24 -4.59 25.91
N THR B 83 -2.63 -5.23 26.91
CA THR B 83 -1.62 -6.26 26.67
C THR B 83 -2.35 -7.55 26.38
N VAL B 84 -2.07 -8.14 25.21
CA VAL B 84 -2.69 -9.39 24.77
C VAL B 84 -1.81 -10.61 25.00
N LEU B 85 -2.45 -11.77 25.07
CA LEU B 85 -1.72 -13.00 25.24
C LEU B 85 -1.56 -13.59 23.85
N HIS B 86 -0.32 -13.88 23.49
CA HIS B 86 -0.01 -14.41 22.18
C HIS B 86 -1.04 -15.42 21.61
N GLN B 87 -1.27 -16.52 22.31
CA GLN B 87 -2.20 -17.54 21.83
C GLN B 87 -3.62 -16.99 21.76
N ASN B 88 -4.00 -16.16 22.72
CA ASN B 88 -5.32 -15.55 22.73
C ASN B 88 -5.53 -15.00 21.32
N TRP B 89 -4.78 -13.96 20.98
CA TRP B 89 -4.89 -13.34 19.67
C TRP B 89 -4.85 -14.38 18.56
N LEU B 90 -3.83 -15.23 18.60
CA LEU B 90 -3.67 -16.28 17.58
C LEU B 90 -4.89 -17.20 17.51
N ASP B 91 -5.57 -17.41 18.62
CA ASP B 91 -6.75 -18.25 18.62
C ASP B 91 -8.02 -17.44 18.37
N GLY B 92 -7.85 -16.35 17.63
CA GLY B 92 -8.95 -15.48 17.26
C GLY B 92 -9.88 -14.89 18.30
N LYS B 93 -9.38 -14.63 19.50
CA LYS B 93 -10.26 -14.04 20.52
C LYS B 93 -10.71 -12.66 20.04
N GLU B 94 -11.94 -12.30 20.36
CA GLU B 94 -12.49 -11.00 19.97
C GLU B 94 -12.26 -9.97 21.05
N TYR B 95 -11.39 -9.00 20.76
CA TYR B 95 -11.10 -7.95 21.71
C TYR B 95 -11.99 -6.74 21.48
N LYS B 96 -12.66 -6.28 22.53
CA LYS B 96 -13.55 -5.13 22.40
C LYS B 96 -13.14 -3.97 23.30
N CYS B 97 -13.28 -2.76 22.78
CA CYS B 97 -12.94 -1.56 23.53
C CYS B 97 -14.14 -0.65 23.57
N LYS B 98 -14.69 -0.48 24.77
CA LYS B 98 -15.85 0.37 24.97
C LYS B 98 -15.43 1.72 25.54
N VAL B 99 -15.48 2.75 24.70
CA VAL B 99 -15.11 4.09 25.10
C VAL B 99 -16.33 4.89 25.52
N SER B 100 -16.17 5.67 26.58
CA SER B 100 -17.26 6.49 27.12
C SER B 100 -16.88 7.95 27.31
N ASN B 101 -17.78 8.85 26.92
CA ASN B 101 -17.53 10.28 27.03
C ASN B 101 -18.88 10.97 27.22
N LYS B 102 -18.93 11.91 28.17
CA LYS B 102 -20.20 12.57 28.44
C LYS B 102 -20.67 13.33 27.20
N ALA B 103 -19.71 13.62 26.30
CA ALA B 103 -19.96 14.33 25.06
C ALA B 103 -20.54 13.36 24.05
N LEU B 104 -20.93 12.18 24.53
CA LEU B 104 -21.48 11.18 23.65
C LEU B 104 -22.72 10.52 24.23
N PRO B 105 -23.79 10.45 23.42
CA PRO B 105 -25.04 9.82 23.87
C PRO B 105 -24.81 8.34 24.16
N ALA B 106 -24.24 7.66 23.18
CA ALA B 106 -23.97 6.24 23.28
C ALA B 106 -22.47 5.99 23.30
N PRO B 107 -22.01 5.08 24.18
CA PRO B 107 -20.58 4.79 24.25
C PRO B 107 -20.15 4.24 22.90
N ILE B 108 -18.85 4.21 22.64
CA ILE B 108 -18.38 3.69 21.37
C ILE B 108 -17.81 2.29 21.56
N GLU B 109 -18.33 1.33 20.80
CA GLU B 109 -17.86 -0.06 20.89
C GLU B 109 -17.22 -0.49 19.58
N LYS B 110 -16.00 -0.98 19.68
CA LYS B 110 -15.27 -1.43 18.51
C LYS B 110 -14.55 -2.73 18.85
N THR B 111 -14.64 -3.72 17.96
CA THR B 111 -14.00 -5.01 18.19
C THR B 111 -12.88 -5.25 17.19
N ILE B 112 -11.98 -6.17 17.54
CA ILE B 112 -10.85 -6.49 16.70
C ILE B 112 -10.37 -7.92 16.98
N SER B 113 -10.11 -8.67 15.91
CA SER B 113 -9.62 -10.05 16.01
C SER B 113 -8.82 -10.31 14.74
N LYS B 114 -7.89 -11.26 14.77
CA LYS B 114 -7.13 -11.54 13.54
C LYS B 114 -8.03 -12.04 12.42
N ALA B 115 -7.58 -11.85 11.18
CA ALA B 115 -8.35 -12.28 10.02
C ALA B 115 -8.72 -13.74 10.18
N LYS B 116 -9.90 -14.12 9.69
CA LYS B 116 -10.38 -15.51 9.80
C LYS B 116 -10.01 -16.35 8.57
N GLY B 117 -9.71 -17.64 8.80
CA GLY B 117 -9.36 -18.53 7.69
C GLY B 117 -8.11 -19.37 7.86
N GLN B 118 -8.16 -20.62 7.37
CA GLN B 118 -7.03 -21.54 7.43
C GLN B 118 -5.74 -20.84 7.06
N PRO B 119 -4.74 -20.86 7.95
CA PRO B 119 -3.42 -20.24 7.77
C PRO B 119 -2.55 -20.97 6.73
N ARG B 120 -1.72 -20.22 6.02
CA ARG B 120 -0.89 -20.83 5.00
C ARG B 120 0.60 -20.48 5.07
N GLU B 121 1.41 -21.53 5.11
CA GLU B 121 2.86 -21.40 5.19
C GLU B 121 3.40 -20.54 4.06
N PRO B 122 4.09 -19.43 4.41
CA PRO B 122 4.66 -18.54 3.40
C PRO B 122 5.90 -19.12 2.76
N GLN B 123 5.88 -19.28 1.44
CA GLN B 123 7.03 -19.81 0.71
C GLN B 123 8.03 -18.66 0.65
N VAL B 124 9.29 -18.93 0.99
CA VAL B 124 10.30 -17.86 0.98
C VAL B 124 11.44 -18.12 0.00
N TYR B 125 11.75 -17.11 -0.82
CA TYR B 125 12.81 -17.22 -1.84
C TYR B 125 13.85 -16.10 -1.88
N THR B 126 15.01 -16.39 -2.45
CA THR B 126 16.03 -15.36 -2.51
C THR B 126 16.46 -15.11 -3.97
N LEU B 127 16.25 -13.88 -4.43
CA LEU B 127 16.60 -13.51 -5.79
C LEU B 127 17.77 -12.55 -5.79
N PRO B 128 18.86 -12.97 -6.43
CA PRO B 128 20.12 -12.21 -6.57
C PRO B 128 19.98 -11.07 -7.57
N PRO B 129 20.92 -10.13 -7.55
CA PRO B 129 20.91 -8.98 -8.45
C PRO B 129 20.99 -9.44 -9.89
N SER B 130 20.10 -8.93 -10.75
CA SER B 130 20.11 -9.34 -12.15
C SER B 130 21.41 -8.85 -12.81
N ARG B 131 21.82 -9.49 -13.91
CA ARG B 131 23.05 -9.09 -14.58
C ARG B 131 23.10 -7.59 -14.77
N GLU B 132 22.10 -7.09 -15.49
CA GLU B 132 21.98 -5.67 -15.81
C GLU B 132 22.11 -4.67 -14.67
N GLU B 133 21.94 -5.12 -13.43
CA GLU B 133 22.01 -4.23 -12.29
C GLU B 133 23.44 -4.15 -11.77
N MET B 134 24.30 -5.03 -12.24
CA MET B 134 25.70 -5.06 -11.80
C MET B 134 26.51 -3.91 -12.41
N THR B 135 25.82 -2.95 -13.01
CA THR B 135 26.49 -1.81 -13.61
C THR B 135 26.26 -0.60 -12.72
N LYS B 136 26.12 -0.88 -11.43
CA LYS B 136 25.90 0.19 -10.45
C LYS B 136 26.84 -0.07 -9.26
N ASN B 137 26.89 0.87 -8.32
CA ASN B 137 27.77 0.70 -7.16
C ASN B 137 27.07 -0.03 -6.01
N GLN B 138 25.74 -0.07 -6.07
CA GLN B 138 24.94 -0.75 -5.07
C GLN B 138 23.97 -1.68 -5.80
N VAL B 139 23.77 -2.88 -5.27
CA VAL B 139 22.86 -3.86 -5.87
C VAL B 139 21.73 -4.23 -4.90
N SER B 140 20.65 -4.78 -5.44
CA SER B 140 19.52 -5.16 -4.60
C SER B 140 19.32 -6.66 -4.50
N LEU B 141 19.25 -7.14 -3.26
CA LEU B 141 19.04 -8.55 -2.98
C LEU B 141 17.54 -8.67 -2.80
N THR B 142 16.96 -9.73 -3.34
CA THR B 142 15.52 -9.89 -3.27
C THR B 142 15.06 -11.14 -2.53
N CYS B 143 14.00 -10.99 -1.76
CA CYS B 143 13.40 -12.07 -1.01
C CYS B 143 11.92 -12.09 -1.35
N LEU B 144 11.47 -13.11 -2.06
CA LEU B 144 10.07 -13.19 -2.41
C LEU B 144 9.30 -14.03 -1.41
N VAL B 145 8.43 -13.39 -0.64
CA VAL B 145 7.64 -14.13 0.34
C VAL B 145 6.26 -14.26 -0.27
N LYS B 146 5.90 -15.48 -0.68
CA LYS B 146 4.61 -15.68 -1.31
C LYS B 146 3.75 -16.80 -0.72
N GLY B 147 2.46 -16.76 -1.07
CA GLY B 147 1.50 -17.76 -0.64
C GLY B 147 1.19 -17.88 0.84
N PHE B 148 1.12 -16.77 1.56
CA PHE B 148 0.83 -16.83 2.98
C PHE B 148 -0.46 -16.15 3.41
N TYR B 149 -1.11 -16.76 4.39
CA TYR B 149 -2.37 -16.26 4.94
C TYR B 149 -2.42 -16.63 6.43
N PRO B 150 -2.83 -15.68 7.31
CA PRO B 150 -3.25 -14.31 7.02
C PRO B 150 -2.12 -13.41 6.51
N SER B 151 -2.37 -12.12 6.55
CA SER B 151 -1.42 -11.12 6.07
C SER B 151 -0.37 -10.75 7.11
N ASP B 152 -0.65 -11.07 8.37
CA ASP B 152 0.27 -10.77 9.46
C ASP B 152 1.63 -11.38 9.15
N ILE B 153 2.66 -10.55 9.10
CA ILE B 153 4.00 -11.06 8.78
C ILE B 153 5.11 -10.00 8.96
N ALA B 154 6.34 -10.45 9.17
CA ALA B 154 7.50 -9.56 9.34
C ALA B 154 8.67 -10.15 8.57
N VAL B 155 9.52 -9.30 8.01
CA VAL B 155 10.67 -9.78 7.25
C VAL B 155 11.88 -8.98 7.65
N GLU B 156 13.03 -9.63 7.74
CA GLU B 156 14.27 -8.94 8.12
C GLU B 156 15.42 -9.53 7.34
N TRP B 157 16.53 -8.79 7.29
CA TRP B 157 17.71 -9.26 6.60
C TRP B 157 18.88 -9.23 7.53
N GLU B 158 19.83 -10.15 7.30
CA GLU B 158 21.04 -10.23 8.09
C GLU B 158 22.22 -10.74 7.24
N SER B 159 23.41 -10.28 7.60
CA SER B 159 24.65 -10.73 6.98
C SER B 159 25.30 -11.37 8.20
N ASN B 160 26.51 -11.94 8.08
CA ASN B 160 27.18 -12.57 9.22
C ASN B 160 26.47 -12.43 10.57
N GLY B 161 25.31 -13.07 10.73
CA GLY B 161 24.61 -12.95 12.01
C GLY B 161 24.24 -11.51 12.41
N GLN B 162 24.66 -10.51 11.63
CA GLN B 162 24.36 -9.12 11.97
C GLN B 162 23.26 -8.49 11.12
N PRO B 163 22.46 -7.59 11.71
CA PRO B 163 21.37 -6.90 11.00
C PRO B 163 21.81 -6.20 9.73
N GLU B 164 20.85 -5.57 9.07
CA GLU B 164 21.07 -4.79 7.86
C GLU B 164 19.98 -3.73 7.94
N ASN B 165 20.29 -2.51 7.52
CA ASN B 165 19.34 -1.41 7.60
C ASN B 165 18.77 -1.01 6.24
N ASN B 166 19.62 -1.00 5.22
CA ASN B 166 19.19 -0.58 3.91
C ASN B 166 18.40 -1.61 3.13
N TYR B 167 17.13 -1.72 3.50
CA TYR B 167 16.20 -2.62 2.86
C TYR B 167 14.82 -2.07 3.08
N LYS B 168 13.88 -2.53 2.25
CA LYS B 168 12.48 -2.11 2.35
C LYS B 168 11.61 -3.28 1.92
N THR B 169 10.40 -3.34 2.47
CA THR B 169 9.50 -4.45 2.12
C THR B 169 8.11 -3.98 1.78
N THR B 170 7.65 -4.38 0.60
CA THR B 170 6.33 -4.01 0.14
C THR B 170 5.29 -4.48 1.13
N PRO B 171 4.14 -3.81 1.15
CA PRO B 171 3.18 -4.33 2.11
C PRO B 171 2.67 -5.60 1.44
N PRO B 172 1.95 -6.45 2.18
CA PRO B 172 1.48 -7.67 1.51
C PRO B 172 0.50 -7.38 0.36
N VAL B 173 0.48 -8.26 -0.62
CA VAL B 173 -0.43 -8.10 -1.73
C VAL B 173 -1.30 -9.32 -1.88
N LEU B 174 -2.58 -9.08 -2.18
CA LEU B 174 -3.52 -10.17 -2.34
C LEU B 174 -3.34 -10.82 -3.70
N ASP B 175 -2.92 -12.07 -3.70
CA ASP B 175 -2.70 -12.80 -4.93
C ASP B 175 -3.97 -13.36 -5.53
N SER B 176 -3.79 -14.25 -6.50
CA SER B 176 -4.90 -14.89 -7.21
C SER B 176 -5.72 -15.90 -6.42
N ASP B 177 -5.07 -16.82 -5.71
CA ASP B 177 -5.81 -17.83 -4.96
C ASP B 177 -6.54 -17.31 -3.73
N GLY B 178 -5.92 -16.38 -3.01
CA GLY B 178 -6.51 -15.83 -1.81
C GLY B 178 -5.42 -15.69 -0.77
N SER B 179 -4.18 -15.91 -1.23
CA SER B 179 -2.99 -15.82 -0.39
C SER B 179 -2.38 -14.46 -0.66
N PHE B 180 -1.33 -14.11 0.08
CA PHE B 180 -0.66 -12.83 -0.13
C PHE B 180 0.78 -13.07 -0.52
N PHE B 181 1.46 -11.99 -0.89
CA PHE B 181 2.85 -12.13 -1.25
C PHE B 181 3.49 -10.76 -1.12
N LEU B 182 4.80 -10.74 -1.20
CA LEU B 182 5.50 -9.48 -1.09
C LEU B 182 6.94 -9.70 -1.44
N TYR B 183 7.69 -8.62 -1.42
CA TYR B 183 9.10 -8.70 -1.70
C TYR B 183 9.80 -7.77 -0.77
N SER B 184 11.00 -8.15 -0.34
CA SER B 184 11.78 -7.32 0.54
C SER B 184 13.04 -7.13 -0.25
N LYS B 185 13.46 -5.87 -0.36
CA LYS B 185 14.65 -5.55 -1.14
C LYS B 185 15.80 -5.06 -0.28
N LEU B 186 16.89 -5.82 -0.26
CA LEU B 186 18.04 -5.41 0.51
C LEU B 186 19.02 -4.77 -0.46
N THR B 187 19.53 -3.59 -0.13
CA THR B 187 20.49 -2.91 -1.01
C THR B 187 21.89 -2.81 -0.38
N VAL B 188 22.90 -3.36 -1.06
CA VAL B 188 24.27 -3.32 -0.55
C VAL B 188 25.29 -3.09 -1.65
N ASP B 189 26.36 -2.39 -1.30
CA ASP B 189 27.43 -2.11 -2.26
C ASP B 189 27.79 -3.37 -3.05
N LYS B 190 27.85 -3.23 -4.37
CA LYS B 190 28.14 -4.33 -5.26
C LYS B 190 29.40 -5.10 -4.87
N SER B 191 30.30 -4.44 -4.13
CA SER B 191 31.54 -5.08 -3.69
C SER B 191 31.23 -6.18 -2.69
N ARG B 192 30.51 -5.83 -1.62
CA ARG B 192 30.13 -6.80 -0.59
C ARG B 192 29.53 -8.02 -1.26
N TRP B 193 28.53 -7.80 -2.13
CA TRP B 193 27.93 -8.93 -2.80
C TRP B 193 28.98 -9.69 -3.58
N GLN B 194 29.87 -8.96 -4.24
CA GLN B 194 30.93 -9.56 -5.04
C GLN B 194 32.06 -10.14 -4.18
N GLN B 195 32.16 -9.68 -2.93
CA GLN B 195 33.17 -10.16 -2.03
C GLN B 195 32.72 -11.52 -1.47
N GLY B 196 31.69 -12.08 -2.07
CA GLY B 196 31.18 -13.39 -1.67
C GLY B 196 30.33 -13.48 -0.42
N ASN B 197 30.13 -12.35 0.25
CA ASN B 197 29.35 -12.31 1.47
C ASN B 197 27.98 -12.97 1.34
N VAL B 198 27.52 -13.54 2.46
CA VAL B 198 26.24 -14.21 2.48
C VAL B 198 25.26 -13.39 3.30
N PHE B 199 24.02 -13.31 2.83
CA PHE B 199 22.97 -12.55 3.50
C PHE B 199 21.83 -13.50 3.76
N SER B 200 20.88 -13.11 4.61
CA SER B 200 19.75 -13.96 4.90
C SER B 200 18.48 -13.19 5.23
N CYS B 201 17.39 -13.63 4.62
CA CYS B 201 16.06 -13.04 4.79
C CYS B 201 15.35 -13.81 5.91
N SER B 202 15.01 -13.14 7.01
CA SER B 202 14.32 -13.82 8.11
C SER B 202 12.81 -13.57 7.97
N VAL B 203 12.03 -14.65 7.87
CA VAL B 203 10.59 -14.47 7.77
C VAL B 203 9.91 -15.06 8.99
N MET B 204 8.99 -14.28 9.58
CA MET B 204 8.27 -14.72 10.76
C MET B 204 6.76 -14.71 10.48
N HIS B 205 6.17 -15.90 10.51
CA HIS B 205 4.75 -16.07 10.27
C HIS B 205 4.26 -17.16 11.21
N GLU B 206 2.99 -17.10 11.59
CA GLU B 206 2.44 -18.09 12.51
C GLU B 206 2.42 -19.48 11.88
N ALA B 207 2.03 -19.55 10.61
CA ALA B 207 1.93 -20.84 9.90
C ALA B 207 3.29 -21.44 9.55
N LEU B 208 4.33 -20.90 10.16
CA LEU B 208 5.68 -21.40 9.94
C LEU B 208 6.02 -22.21 11.17
N HIS B 209 6.97 -23.13 11.07
CA HIS B 209 7.39 -23.90 12.24
C HIS B 209 7.85 -22.75 13.14
N ASN B 210 8.37 -23.02 14.35
CA ASN B 210 8.82 -21.94 15.26
C ASN B 210 8.50 -20.49 14.91
N HIS B 211 7.56 -20.25 14.00
CA HIS B 211 7.16 -18.92 13.53
C HIS B 211 8.37 -18.17 12.95
N TYR B 212 9.26 -18.89 12.27
CA TYR B 212 10.46 -18.26 11.72
C TYR B 212 11.21 -19.20 10.81
N THR B 213 11.57 -18.70 9.63
CA THR B 213 12.35 -19.47 8.66
C THR B 213 13.36 -18.49 8.12
N GLN B 214 14.54 -19.00 7.78
CA GLN B 214 15.61 -18.14 7.28
C GLN B 214 16.21 -18.64 5.98
N LYS B 215 16.26 -17.77 4.98
CA LYS B 215 16.82 -18.11 3.67
C LYS B 215 18.05 -17.28 3.32
N SER B 216 19.12 -17.97 2.88
CA SER B 216 20.41 -17.35 2.54
C SER B 216 20.64 -16.94 1.09
N LEU B 217 21.44 -15.89 0.92
CA LEU B 217 21.75 -15.36 -0.41
C LEU B 217 23.26 -15.14 -0.54
N SER B 218 23.83 -15.53 -1.68
CA SER B 218 25.26 -15.35 -1.91
C SER B 218 25.64 -15.69 -3.34
N LEU B 219 26.60 -14.95 -3.88
CA LEU B 219 27.10 -15.13 -5.22
C LEU B 219 27.76 -16.51 -5.37
N SER B 220 27.72 -17.09 -6.49
#